data_8K1E
#
_entry.id   8K1E
#
_cell.length_a   137.589
_cell.length_b   29.193
_cell.length_c   99.144
_cell.angle_alpha   90.000
_cell.angle_beta   126.748
_cell.angle_gamma   90.000
#
_symmetry.space_group_name_H-M   'C 1 2 1'
#
loop_
_entity.id
_entity.type
_entity.pdbx_description
1 polymer 'RNA (58-MER)'
2 non-polymer 'POTASSIUM ION'
3 non-polymer 'SODIUM ION'
4 non-polymer 'MAGNESIUM ION'
5 water water
#
_entity_poly.entity_id   1
_entity_poly.type   'polyribonucleotide'
_entity_poly.pdbx_seq_one_letter_code
;GGCGCUGGUGGUGGCACGUCCAGCACGGCUGGGCCGGGGUUCGAGUCCCCGCAGUGUU
;
_entity_poly.pdbx_strand_id   A,B
#